data_6NW2
#
_entry.id   6NW2
#
_cell.length_a   45.862
_cell.length_b   96.644
_cell.length_c   125.285
_cell.angle_alpha   90.00
_cell.angle_beta   90.00
_cell.angle_gamma   90.00
#
_symmetry.space_group_name_H-M   'P 21 21 21'
#
loop_
_entity.id
_entity.type
_entity.pdbx_description
1 polymer 'Receptor-interacting serine/threonine-protein kinase 1'
2 non-polymer (5R)-5-methyl-N-[(3S)-5-methyl-4-oxo-2,3,4,5-tetrahydro-1,5-benzoxazepin-3-yl]-4,5,6,7-tetrahydro-2H-indazole-3-carboxamide
3 water water
#
_entity_poly.entity_id   1
_entity_poly.type   'polypeptide(L)'
_entity_poly.pdbx_seq_one_letter_code
;MHHHHHHGENLYFQGSMQPDMSLNVIKMKSSDFLESAELDSGGFGKVSLAFHRTQGLMIMKTVYKGPNCIEHNEALLEEA
KMMNRLRHSRVVKLLGVIIEEGKYSLVMEYMEKGNLMHVLKAEMSTPLSVKGRIILEIIEGMAYLHGKGVIHKDLKPENI
LVDNDFHIKIADLGLASFKMWSKLNNEEHNELREVDGTAKKNGGTLYYMAPEHLNDVNAKPTEKSDVYSFAVVLWAIFAN
KEPYENAIAEQQLIMAIKSGNRPDVDDITEYCPREIISLMKLCWEANPEARPTFPGIEEKFRPFYLSQLE
;
_entity_poly.pdbx_strand_id   A,B
#
# COMPACT_ATOMS: atom_id res chain seq x y z
N ASN A 24 -6.36 3.84 -15.72
CA ASN A 24 -7.63 4.56 -15.86
C ASN A 24 -8.76 3.61 -16.20
N VAL A 25 -9.98 3.98 -15.84
CA VAL A 25 -11.12 3.12 -16.14
C VAL A 25 -11.30 3.07 -17.65
N ILE A 26 -11.52 1.88 -18.16
CA ILE A 26 -11.79 1.72 -19.58
C ILE A 26 -13.28 1.94 -19.80
N LYS A 27 -13.61 2.62 -20.90
CA LYS A 27 -15.00 2.71 -21.34
C LYS A 27 -15.25 1.50 -22.22
N MET A 28 -15.77 0.44 -21.63
CA MET A 28 -15.97 -0.80 -22.35
C MET A 28 -17.30 -0.79 -23.09
N LYS A 29 -17.40 -1.67 -24.09
CA LYS A 29 -18.59 -1.84 -24.89
C LYS A 29 -19.10 -3.26 -24.73
N SER A 30 -20.43 -3.40 -24.69
CA SER A 30 -21.05 -4.73 -24.71
C SER A 30 -20.52 -5.58 -25.87
N SER A 31 -20.30 -4.95 -27.03
CA SER A 31 -19.84 -5.69 -28.21
C SER A 31 -18.52 -6.42 -27.99
N ASP A 32 -17.80 -6.11 -26.90
CA ASP A 32 -16.59 -6.84 -26.52
C ASP A 32 -16.87 -8.01 -25.61
N PHE A 33 -18.12 -8.24 -25.23
CA PHE A 33 -18.48 -9.36 -24.38
C PHE A 33 -19.46 -10.27 -25.11
N LEU A 34 -19.29 -11.56 -24.91
CA LEU A 34 -20.28 -12.56 -25.24
C LEU A 34 -21.39 -12.57 -24.18
N LYS A 46 -27.83 -8.20 -13.01
CA LYS A 46 -27.31 -9.26 -12.15
C LYS A 46 -25.78 -9.31 -12.19
N VAL A 47 -25.22 -10.12 -11.31
CA VAL A 47 -23.78 -10.34 -11.20
C VAL A 47 -23.44 -11.61 -11.95
N SER A 48 -22.48 -11.51 -12.88
CA SER A 48 -22.14 -12.68 -13.67
C SER A 48 -20.69 -12.63 -14.11
N LEU A 49 -20.07 -13.81 -14.15
CA LEU A 49 -18.82 -13.98 -14.86
C LEU A 49 -18.97 -13.48 -16.29
N ALA A 50 -17.91 -12.91 -16.84
CA ALA A 50 -17.95 -12.41 -18.21
C ALA A 50 -16.59 -12.61 -18.86
N PHE A 51 -16.60 -12.64 -20.18
CA PHE A 51 -15.40 -12.92 -20.96
C PHE A 51 -15.27 -11.82 -22.01
N HIS A 52 -14.31 -10.91 -21.79
CA HIS A 52 -13.98 -9.88 -22.75
C HIS A 52 -13.26 -10.52 -23.94
N ARG A 53 -13.63 -10.12 -25.15
CA ARG A 53 -13.14 -10.89 -26.30
C ARG A 53 -11.66 -10.71 -26.55
N THR A 54 -11.01 -9.71 -25.94
CA THR A 54 -9.56 -9.65 -25.99
C THR A 54 -8.89 -9.66 -24.62
N GLN A 55 -9.58 -9.26 -23.56
CA GLN A 55 -8.93 -9.19 -22.25
C GLN A 55 -9.30 -10.35 -21.33
N GLY A 56 -10.32 -11.13 -21.66
CA GLY A 56 -10.57 -12.36 -20.94
C GLY A 56 -11.54 -12.27 -19.77
N LEU A 57 -11.26 -13.07 -18.74
CA LEU A 57 -12.19 -13.29 -17.65
C LEU A 57 -12.38 -12.02 -16.82
N MET A 58 -13.63 -11.74 -16.45
CA MET A 58 -14.01 -10.53 -15.70
C MET A 58 -15.33 -10.79 -15.00
N ILE A 59 -15.56 -10.06 -13.91
CA ILE A 59 -16.86 -10.08 -13.24
C ILE A 59 -17.62 -8.85 -13.67
N MET A 60 -18.85 -9.05 -14.12
CA MET A 60 -19.70 -7.95 -14.52
C MET A 60 -20.88 -7.84 -13.57
N LYS A 61 -21.12 -6.65 -13.07
CA LYS A 61 -22.39 -6.32 -12.43
C LYS A 61 -23.10 -5.31 -13.32
N THR A 62 -24.24 -5.72 -13.87
CA THR A 62 -25.12 -4.80 -14.57
C THR A 62 -26.05 -4.16 -13.55
N VAL A 63 -25.93 -2.86 -13.40
CA VAL A 63 -26.66 -2.17 -12.34
C VAL A 63 -28.03 -1.71 -12.81
N TYR A 64 -28.16 -1.34 -14.08
CA TYR A 64 -29.42 -0.85 -14.62
C TYR A 64 -29.63 -1.41 -16.01
N LYS A 65 -30.87 -1.81 -16.30
CA LYS A 65 -31.30 -2.15 -17.64
C LYS A 65 -32.73 -1.64 -17.81
N GLY A 66 -32.94 -0.73 -18.75
CA GLY A 66 -34.23 -0.15 -19.00
C GLY A 66 -34.17 0.87 -20.12
N PRO A 67 -34.98 1.92 -20.03
CA PRO A 67 -34.89 3.03 -21.01
C PRO A 67 -33.84 4.07 -20.61
N ASN A 68 -33.65 5.12 -21.43
CA ASN A 68 -32.68 6.16 -21.14
C ASN A 68 -33.23 7.27 -20.23
N CYS A 69 -34.05 6.88 -19.24
CA CYS A 69 -34.57 7.64 -18.10
C CYS A 69 -33.43 8.35 -17.27
N ILE A 70 -32.16 8.21 -17.65
CA ILE A 70 -31.02 8.59 -16.82
C ILE A 70 -30.18 9.64 -17.55
N GLU A 71 -29.95 10.77 -16.87
CA GLU A 71 -28.94 11.76 -17.27
C GLU A 71 -27.89 11.92 -16.18
N HIS A 72 -27.70 10.88 -15.37
CA HIS A 72 -26.61 10.78 -14.41
C HIS A 72 -25.28 10.40 -15.05
N ASN A 73 -25.18 10.47 -16.38
CA ASN A 73 -24.06 9.83 -17.08
C ASN A 73 -22.73 10.36 -16.59
N GLU A 74 -22.55 11.68 -16.57
CA GLU A 74 -21.30 12.28 -16.09
C GLU A 74 -20.98 11.80 -14.68
N ALA A 75 -21.98 11.81 -13.81
CA ALA A 75 -21.73 11.51 -12.40
C ALA A 75 -21.44 10.04 -12.19
N LEU A 76 -22.12 9.17 -12.95
CA LEU A 76 -21.85 7.74 -12.88
C LEU A 76 -20.43 7.44 -13.33
N LEU A 77 -20.00 8.07 -14.42
CA LEU A 77 -18.64 7.84 -14.91
C LEU A 77 -17.61 8.39 -13.94
N GLU A 78 -17.89 9.55 -13.35
CA GLU A 78 -16.90 10.15 -12.46
CA GLU A 78 -16.89 10.15 -12.46
C GLU A 78 -16.72 9.33 -11.19
N GLU A 79 -17.83 8.82 -10.64
CA GLU A 79 -17.74 7.96 -9.48
C GLU A 79 -16.89 6.74 -9.79
N ALA A 80 -17.06 6.17 -10.99
CA ALA A 80 -16.23 5.06 -11.41
C ALA A 80 -14.76 5.47 -11.48
N LYS A 81 -14.48 6.68 -12.01
CA LYS A 81 -13.09 7.13 -12.07
C LYS A 81 -12.52 7.33 -10.67
N MET A 82 -13.31 7.91 -9.76
CA MET A 82 -12.89 8.07 -8.38
C MET A 82 -12.57 6.73 -7.72
N MET A 83 -13.47 5.75 -7.86
CA MET A 83 -13.19 4.43 -7.30
C MET A 83 -11.99 3.79 -7.96
N ASN A 84 -11.81 4.05 -9.25
CA ASN A 84 -10.67 3.50 -9.98
C ASN A 84 -9.35 4.16 -9.56
N ARG A 85 -9.37 5.37 -8.99
CA ARG A 85 -8.17 6.00 -8.46
C ARG A 85 -7.72 5.45 -7.11
N LEU A 86 -8.48 4.54 -6.50
CA LEU A 86 -8.05 3.88 -5.27
C LEU A 86 -7.23 2.68 -5.71
N ARG A 87 -5.91 2.85 -5.73
CA ARG A 87 -5.00 1.92 -6.39
C ARG A 87 -4.02 1.38 -5.38
N HIS A 88 -4.16 0.11 -5.05
CA HIS A 88 -3.32 -0.52 -4.05
C HIS A 88 -3.36 -2.00 -4.32
N SER A 89 -2.27 -2.70 -3.99
CA SER A 89 -2.21 -4.13 -4.30
C SER A 89 -3.31 -4.93 -3.59
N ARG A 90 -3.84 -4.46 -2.47
CA ARG A 90 -4.83 -5.20 -1.69
C ARG A 90 -6.23 -4.62 -1.82
N VAL A 91 -6.48 -3.84 -2.86
CA VAL A 91 -7.78 -3.21 -3.13
C VAL A 91 -8.19 -3.57 -4.56
N VAL A 92 -9.46 -3.94 -4.76
CA VAL A 92 -9.85 -4.45 -6.09
C VAL A 92 -9.77 -3.33 -7.13
N LYS A 93 -9.49 -3.73 -8.37
CA LYS A 93 -9.41 -2.85 -9.53
C LYS A 93 -10.72 -2.89 -10.29
N LEU A 94 -11.34 -1.73 -10.45
CA LEU A 94 -12.46 -1.58 -11.38
C LEU A 94 -11.88 -1.41 -12.78
N LEU A 95 -12.02 -2.44 -13.62
CA LEU A 95 -11.35 -2.43 -14.92
C LEU A 95 -12.11 -1.62 -15.96
N GLY A 96 -13.42 -1.57 -15.85
CA GLY A 96 -14.14 -0.85 -16.88
C GLY A 96 -15.57 -0.61 -16.44
N VAL A 97 -16.22 0.27 -17.19
CA VAL A 97 -17.61 0.62 -16.99
C VAL A 97 -18.29 0.53 -18.34
N ILE A 98 -19.55 0.13 -18.34
CA ILE A 98 -20.35 0.15 -19.56
C ILE A 98 -21.47 1.15 -19.33
N ILE A 99 -21.46 2.23 -20.10
CA ILE A 99 -22.47 3.28 -20.04
C ILE A 99 -23.05 3.38 -21.44
N GLU A 100 -24.14 2.67 -21.65
CA GLU A 100 -24.78 2.51 -22.94
C GLU A 100 -26.24 2.94 -22.81
N GLU A 101 -26.96 2.89 -23.92
CA GLU A 101 -28.29 3.51 -24.01
C GLU A 101 -29.18 3.10 -22.85
N GLY A 102 -29.57 1.83 -22.75
CA GLY A 102 -30.38 1.44 -21.62
C GLY A 102 -29.70 0.43 -20.72
N LYS A 103 -28.41 0.61 -20.46
CA LYS A 103 -27.64 -0.43 -19.78
C LYS A 103 -26.39 0.17 -19.13
N TYR A 104 -26.25 -0.08 -17.83
CA TYR A 104 -25.15 0.46 -17.04
C TYR A 104 -24.48 -0.68 -16.29
N SER A 105 -23.19 -0.89 -16.54
CA SER A 105 -22.48 -2.02 -15.96
C SER A 105 -21.13 -1.63 -15.40
N LEU A 106 -20.74 -2.32 -14.33
CA LEU A 106 -19.39 -2.25 -13.78
C LEU A 106 -18.65 -3.54 -14.09
N VAL A 107 -17.36 -3.43 -14.37
CA VAL A 107 -16.55 -4.58 -14.71
C VAL A 107 -15.29 -4.58 -13.85
N MET A 108 -15.04 -5.72 -13.20
CA MET A 108 -14.06 -5.89 -12.14
C MET A 108 -13.19 -7.10 -12.45
N GLU A 109 -11.96 -7.09 -11.94
CA GLU A 109 -11.10 -8.26 -12.13
C GLU A 109 -11.72 -9.50 -11.48
N TYR A 110 -11.40 -10.67 -12.04
CA TYR A 110 -11.88 -11.93 -11.51
C TYR A 110 -10.91 -12.47 -10.48
N MET A 111 -11.42 -12.83 -9.31
CA MET A 111 -10.61 -13.41 -8.26
C MET A 111 -11.04 -14.87 -8.13
N GLU A 112 -10.16 -15.78 -8.56
CA GLU A 112 -10.61 -17.13 -8.90
C GLU A 112 -10.96 -17.95 -7.67
N LYS A 113 -10.40 -17.62 -6.50
CA LYS A 113 -10.75 -18.35 -5.29
C LYS A 113 -12.06 -17.88 -4.66
N GLY A 114 -12.68 -16.82 -5.19
CA GLY A 114 -13.91 -16.33 -4.60
C GLY A 114 -13.65 -15.42 -3.41
N ASN A 115 -14.54 -15.44 -2.43
CA ASN A 115 -14.35 -14.58 -1.26
C ASN A 115 -13.76 -15.36 -0.08
N LEU A 116 -13.48 -14.62 0.99
CA LEU A 116 -12.70 -15.18 2.11
C LEU A 116 -13.46 -16.29 2.83
N MET A 117 -14.76 -16.13 3.03
CA MET A 117 -15.50 -17.18 3.71
C MET A 117 -15.48 -18.48 2.90
N HIS A 118 -15.67 -18.37 1.58
CA HIS A 118 -15.54 -19.54 0.71
C HIS A 118 -14.21 -20.25 0.91
N VAL A 119 -13.12 -19.50 1.07
CA VAL A 119 -11.81 -20.13 1.24
C VAL A 119 -11.70 -20.78 2.62
N LEU A 120 -12.13 -20.07 3.66
CA LEU A 120 -12.00 -20.59 5.02
C LEU A 120 -12.74 -21.91 5.19
N LYS A 121 -13.81 -22.13 4.43
CA LYS A 121 -14.61 -23.33 4.53
C LYS A 121 -14.20 -24.42 3.55
N ALA A 122 -13.18 -24.17 2.73
CA ALA A 122 -12.79 -25.12 1.70
C ALA A 122 -12.32 -26.44 2.32
N GLU A 123 -12.10 -27.43 1.44
CA GLU A 123 -11.69 -28.77 1.84
C GLU A 123 -10.46 -28.75 2.73
N MET A 124 -9.30 -28.46 2.15
CA MET A 124 -8.07 -28.41 2.94
C MET A 124 -8.01 -27.09 3.72
N SER A 125 -7.56 -27.18 4.96
CA SER A 125 -7.46 -26.02 5.81
C SER A 125 -6.40 -25.06 5.27
N THR A 126 -6.42 -23.83 5.79
CA THR A 126 -5.48 -22.79 5.39
C THR A 126 -4.46 -22.62 6.50
N PRO A 127 -3.17 -22.76 6.21
CA PRO A 127 -2.17 -22.75 7.29
C PRO A 127 -2.09 -21.40 8.00
N LEU A 128 -1.62 -21.47 9.26
CA LEU A 128 -1.53 -20.28 10.11
C LEU A 128 -0.71 -19.17 9.47
N SER A 129 0.34 -19.53 8.71
CA SER A 129 1.17 -18.49 8.10
C SER A 129 0.44 -17.79 6.95
N VAL A 130 -0.44 -18.51 6.24
CA VAL A 130 -1.25 -17.86 5.21
C VAL A 130 -2.33 -16.98 5.86
N LYS A 131 -2.98 -17.48 6.93
CA LYS A 131 -3.97 -16.65 7.63
C LYS A 131 -3.35 -15.37 8.16
N GLY A 132 -2.14 -15.45 8.72
CA GLY A 132 -1.45 -14.26 9.19
C GLY A 132 -1.12 -13.27 8.08
N ARG A 133 -0.75 -13.78 6.91
CA ARG A 133 -0.49 -12.90 5.77
C ARG A 133 -1.78 -12.27 5.27
N ILE A 134 -2.87 -13.03 5.27
CA ILE A 134 -4.17 -12.50 4.87
C ILE A 134 -4.55 -11.32 5.76
N ILE A 135 -4.36 -11.49 7.06
CA ILE A 135 -4.72 -10.45 8.03
C ILE A 135 -3.88 -9.21 7.77
N LEU A 136 -2.58 -9.40 7.55
CA LEU A 136 -1.70 -8.28 7.27
C LEU A 136 -2.12 -7.56 5.98
N GLU A 137 -2.54 -8.31 4.97
CA GLU A 137 -2.94 -7.67 3.71
C GLU A 137 -4.25 -6.90 3.88
N ILE A 138 -5.21 -7.46 4.61
CA ILE A 138 -6.42 -6.72 4.97
C ILE A 138 -6.06 -5.42 5.67
N ILE A 139 -5.17 -5.50 6.67
CA ILE A 139 -4.74 -4.30 7.38
C ILE A 139 -4.20 -3.25 6.41
N GLU A 140 -3.32 -3.69 5.51
CA GLU A 140 -2.67 -2.73 4.59
C GLU A 140 -3.69 -2.11 3.65
N GLY A 141 -4.60 -2.93 3.13
CA GLY A 141 -5.62 -2.39 2.24
C GLY A 141 -6.52 -1.40 2.96
N MET A 142 -6.94 -1.74 4.18
CA MET A 142 -7.79 -0.83 4.94
C MET A 142 -7.05 0.44 5.34
N ALA A 143 -5.77 0.33 5.73
CA ALA A 143 -5.00 1.54 6.05
C ALA A 143 -4.89 2.43 4.81
N TYR A 144 -4.68 1.83 3.62
CA TYR A 144 -4.65 2.61 2.40
C TYR A 144 -5.96 3.37 2.22
N LEU A 145 -7.11 2.67 2.31
CA LEU A 145 -8.40 3.31 2.09
C LEU A 145 -8.64 4.45 3.08
N HIS A 146 -8.36 4.22 4.37
CA HIS A 146 -8.54 5.27 5.36
C HIS A 146 -7.60 6.46 5.10
N GLY A 147 -6.37 6.17 4.68
CA GLY A 147 -5.45 7.22 4.30
C GLY A 147 -5.91 8.05 3.12
N LYS A 148 -6.82 7.51 2.30
CA LYS A 148 -7.45 8.29 1.22
C LYS A 148 -8.78 8.90 1.64
N GLY A 149 -9.15 8.82 2.91
CA GLY A 149 -10.40 9.40 3.37
C GLY A 149 -11.63 8.58 3.10
N VAL A 150 -11.48 7.33 2.70
CA VAL A 150 -12.59 6.46 2.33
C VAL A 150 -12.89 5.57 3.53
N ILE A 151 -14.12 5.64 4.00
CA ILE A 151 -14.60 4.72 5.02
C ILE A 151 -15.33 3.60 4.29
N HIS A 152 -14.92 2.37 4.54
CA HIS A 152 -15.51 1.28 3.76
C HIS A 152 -16.98 1.09 4.10
N LYS A 153 -17.31 0.97 5.39
CA LYS A 153 -18.65 0.84 5.96
C LYS A 153 -19.24 -0.57 5.83
N ASP A 154 -18.69 -1.46 5.00
CA ASP A 154 -19.27 -2.79 4.84
C ASP A 154 -18.16 -3.85 4.75
N LEU A 155 -17.16 -3.74 5.60
CA LEU A 155 -16.10 -4.74 5.61
C LEU A 155 -16.64 -6.04 6.21
N LYS A 156 -16.37 -7.16 5.53
CA LYS A 156 -16.86 -8.48 5.89
C LYS A 156 -16.23 -9.50 4.96
N PRO A 157 -16.25 -10.80 5.30
CA PRO A 157 -15.57 -11.78 4.44
C PRO A 157 -16.08 -11.79 3.01
N GLU A 158 -17.37 -11.50 2.78
CA GLU A 158 -17.90 -11.43 1.42
C GLU A 158 -17.23 -10.35 0.59
N ASN A 159 -16.68 -9.32 1.23
CA ASN A 159 -15.99 -8.25 0.51
C ASN A 159 -14.49 -8.39 0.53
N ILE A 160 -13.97 -9.56 0.90
CA ILE A 160 -12.55 -9.83 0.85
C ILE A 160 -12.36 -10.93 -0.20
N LEU A 161 -11.82 -10.55 -1.35
CA LEU A 161 -11.69 -11.47 -2.48
C LEU A 161 -10.28 -12.06 -2.49
N VAL A 162 -10.17 -13.28 -3.00
CA VAL A 162 -8.94 -14.05 -2.85
C VAL A 162 -8.53 -14.59 -4.21
N ASP A 163 -7.27 -14.35 -4.59
CA ASP A 163 -6.77 -14.85 -5.86
C ASP A 163 -6.21 -16.28 -5.67
N ASN A 164 -5.63 -16.83 -6.73
CA ASN A 164 -5.17 -18.22 -6.66
C ASN A 164 -4.01 -18.39 -5.69
N ASP A 165 -3.20 -17.35 -5.50
CA ASP A 165 -2.07 -17.41 -4.60
C ASP A 165 -2.46 -17.09 -3.15
N PHE A 166 -3.75 -17.03 -2.84
CA PHE A 166 -4.25 -16.70 -1.50
C PHE A 166 -3.85 -15.28 -1.08
N HIS A 167 -3.62 -14.40 -2.05
CA HIS A 167 -3.54 -12.97 -1.81
C HIS A 167 -4.94 -12.37 -1.92
N ILE A 168 -5.18 -11.30 -1.16
CA ILE A 168 -6.55 -10.80 -1.02
C ILE A 168 -6.67 -9.38 -1.56
N LYS A 169 -7.91 -9.01 -1.88
CA LYS A 169 -8.28 -7.67 -2.29
C LYS A 169 -9.59 -7.29 -1.63
N ILE A 170 -9.62 -6.08 -1.08
CA ILE A 170 -10.85 -5.54 -0.48
C ILE A 170 -11.75 -5.02 -1.59
N ALA A 171 -13.03 -5.38 -1.54
CA ALA A 171 -14.03 -4.99 -2.53
C ALA A 171 -15.23 -4.35 -1.83
N ASP A 172 -16.16 -3.82 -2.64
CA ASP A 172 -17.41 -3.25 -2.11
C ASP A 172 -18.58 -3.75 -2.94
N LEU A 173 -18.91 -5.02 -2.76
CA LEU A 173 -19.84 -5.67 -3.70
C LEU A 173 -21.29 -5.28 -3.44
N GLY A 174 -21.61 -4.72 -2.27
CA GLY A 174 -22.92 -4.12 -2.05
C GLY A 174 -23.03 -2.66 -2.46
N LEU A 175 -21.98 -2.07 -3.03
CA LEU A 175 -22.01 -0.70 -3.54
C LEU A 175 -22.23 0.34 -2.44
N ALA A 176 -21.80 0.03 -1.21
CA ALA A 176 -21.89 1.00 -0.11
C ALA A 176 -21.10 2.28 -0.40
N SER A 177 -20.07 2.21 -1.24
CA SER A 177 -19.27 3.37 -1.59
C SER A 177 -19.57 3.94 -2.98
N PHE A 178 -20.35 3.23 -3.79
CA PHE A 178 -20.75 3.77 -5.09
C PHE A 178 -22.10 4.44 -4.92
N LYS A 179 -22.08 5.64 -4.34
CA LYS A 179 -23.30 6.42 -4.11
C LYS A 179 -24.20 6.44 -5.34
N MET A 180 -23.67 6.98 -6.43
CA MET A 180 -24.47 7.16 -7.65
C MET A 180 -24.88 5.82 -8.26
N TRP A 181 -23.96 4.85 -8.31
CA TRP A 181 -24.32 3.55 -8.89
C TRP A 181 -25.33 2.81 -8.01
N SER A 182 -25.23 2.98 -6.69
CA SER A 182 -26.22 2.39 -5.81
C SER A 182 -27.59 3.03 -6.01
N LYS A 183 -27.64 4.36 -6.20
CA LYS A 183 -28.91 5.02 -6.51
C LYS A 183 -29.49 4.50 -7.81
N LEU A 184 -28.66 4.40 -8.84
CA LEU A 184 -29.12 3.86 -10.11
C LEU A 184 -29.65 2.44 -9.95
N ASN A 185 -29.15 1.69 -8.97
CA ASN A 185 -29.53 0.29 -8.82
C ASN A 185 -30.97 0.14 -8.38
N ASN A 186 -31.51 1.10 -7.63
CA ASN A 186 -32.89 1.08 -7.19
C ASN A 186 -33.73 2.18 -7.83
N GLU A 187 -33.31 2.67 -9.00
CA GLU A 187 -34.07 3.70 -9.69
C GLU A 187 -35.39 3.13 -10.20
N GLU A 188 -36.39 4.01 -10.30
CA GLU A 188 -37.77 3.60 -10.55
C GLU A 188 -37.86 2.73 -11.81
N HIS A 189 -37.39 3.24 -12.94
CA HIS A 189 -37.55 2.59 -14.24
C HIS A 189 -36.51 1.51 -14.51
N ASN A 190 -36.18 0.68 -13.51
CA ASN A 190 -35.14 -0.34 -13.62
C ASN A 190 -35.76 -1.71 -13.52
N GLU A 191 -35.42 -2.59 -14.48
CA GLU A 191 -35.92 -3.96 -14.51
C GLU A 191 -35.27 -4.86 -13.47
N LEU A 192 -34.27 -4.37 -12.73
CA LEU A 192 -33.59 -5.17 -11.73
C LEU A 192 -33.56 -4.46 -10.38
N THR A 205 -23.78 -6.64 6.24
CA THR A 205 -24.42 -7.67 7.05
C THR A 205 -24.28 -7.36 8.55
N LEU A 206 -25.29 -7.81 9.30
CA LEU A 206 -25.41 -7.48 10.72
C LEU A 206 -24.21 -7.94 11.54
N TYR A 207 -23.63 -9.11 11.21
CA TYR A 207 -22.62 -9.72 12.07
C TYR A 207 -21.35 -8.88 12.19
N TYR A 208 -21.09 -7.98 11.23
CA TYR A 208 -19.83 -7.24 11.16
C TYR A 208 -20.05 -5.75 11.42
N MET A 209 -21.28 -5.35 11.70
CA MET A 209 -21.62 -3.95 11.91
C MET A 209 -21.32 -3.49 13.34
N ALA A 210 -20.64 -2.35 13.47
CA ALA A 210 -20.32 -1.84 14.80
C ALA A 210 -21.61 -1.48 15.54
N PRO A 211 -21.64 -1.65 16.87
CA PRO A 211 -22.92 -1.52 17.59
C PRO A 211 -23.52 -0.14 17.53
N GLU A 212 -22.72 0.91 17.32
CA GLU A 212 -23.24 2.27 17.13
C GLU A 212 -24.20 2.38 15.96
N HIS A 213 -24.15 1.46 15.01
CA HIS A 213 -24.97 1.56 13.81
C HIS A 213 -26.19 0.66 13.84
N LEU A 214 -26.42 -0.04 14.95
CA LEU A 214 -27.57 -0.93 15.09
C LEU A 214 -28.73 -0.19 15.74
N ALA A 219 -25.75 6.26 13.45
CA ALA A 219 -24.52 7.00 13.71
C ALA A 219 -23.68 7.11 12.44
N LYS A 220 -22.94 8.21 12.31
CA LYS A 220 -22.13 8.40 11.12
C LYS A 220 -20.98 7.41 11.12
N PRO A 221 -20.87 6.53 10.12
CA PRO A 221 -19.74 5.59 10.12
C PRO A 221 -18.44 6.35 10.14
N THR A 222 -17.47 5.82 10.87
CA THR A 222 -16.13 6.39 10.95
C THR A 222 -15.15 5.27 10.64
N GLU A 223 -13.87 5.63 10.61
CA GLU A 223 -12.80 4.64 10.54
C GLU A 223 -12.97 3.57 11.63
N LYS A 224 -13.42 3.96 12.82
CA LYS A 224 -13.58 3.01 13.90
C LYS A 224 -14.69 1.99 13.61
N SER A 225 -15.67 2.34 12.77
CA SER A 225 -16.69 1.36 12.37
C SER A 225 -16.05 0.22 11.58
N ASP A 226 -15.11 0.57 10.69
CA ASP A 226 -14.37 -0.41 9.92
C ASP A 226 -13.49 -1.27 10.83
N VAL A 227 -12.91 -0.68 11.86
CA VAL A 227 -12.05 -1.43 12.77
C VAL A 227 -12.87 -2.50 13.49
N TYR A 228 -14.09 -2.18 13.88
CA TYR A 228 -14.95 -3.18 14.50
C TYR A 228 -15.23 -4.33 13.54
N SER A 229 -15.57 -4.00 12.29
CA SER A 229 -15.82 -5.04 11.30
C SER A 229 -14.62 -5.95 11.15
N PHE A 230 -13.41 -5.35 11.12
CA PHE A 230 -12.18 -6.11 11.04
C PHE A 230 -12.02 -7.08 12.22
N ALA A 231 -12.39 -6.65 13.43
CA ALA A 231 -12.34 -7.53 14.60
C ALA A 231 -13.16 -8.81 14.35
N VAL A 232 -14.32 -8.67 13.74
CA VAL A 232 -15.14 -9.86 13.56
C VAL A 232 -14.57 -10.71 12.42
N VAL A 233 -13.98 -10.07 11.39
CA VAL A 233 -13.30 -10.83 10.34
C VAL A 233 -12.15 -11.63 10.94
N LEU A 234 -11.40 -11.03 11.88
CA LEU A 234 -10.33 -11.77 12.57
CA LEU A 234 -10.33 -11.77 12.55
C LEU A 234 -10.86 -13.04 13.20
N TRP A 235 -11.96 -12.91 13.95
CA TRP A 235 -12.56 -14.10 14.57
C TRP A 235 -12.94 -15.14 13.52
N ALA A 236 -13.59 -14.73 12.43
CA ALA A 236 -14.03 -15.68 11.41
C ALA A 236 -12.85 -16.38 10.74
N ILE A 237 -11.74 -15.67 10.53
CA ILE A 237 -10.56 -16.28 9.93
C ILE A 237 -10.08 -17.44 10.78
N PHE A 238 -10.17 -17.34 12.10
CA PHE A 238 -9.69 -18.43 12.92
C PHE A 238 -10.78 -19.45 13.26
N ALA A 239 -12.04 -19.02 13.38
CA ALA A 239 -13.14 -19.95 13.58
C ALA A 239 -13.50 -20.72 12.32
N ASN A 240 -13.07 -20.23 11.15
CA ASN A 240 -13.41 -20.79 9.85
C ASN A 240 -14.92 -20.78 9.58
N LYS A 241 -15.66 -19.82 10.13
CA LYS A 241 -17.11 -19.81 9.97
C LYS A 241 -17.65 -18.44 10.36
N GLU A 242 -18.93 -18.21 10.05
CA GLU A 242 -19.61 -17.01 10.49
C GLU A 242 -19.88 -17.08 12.00
N PRO A 243 -19.88 -15.93 12.69
CA PRO A 243 -20.22 -15.93 14.12
C PRO A 243 -21.72 -16.00 14.37
N TYR A 244 -22.05 -16.21 15.64
CA TYR A 244 -23.41 -16.09 16.19
C TYR A 244 -24.35 -17.18 15.64
N GLU A 245 -23.83 -18.39 15.43
CA GLU A 245 -24.66 -19.43 14.83
C GLU A 245 -25.83 -19.81 15.72
N ASN A 246 -25.77 -19.54 17.03
CA ASN A 246 -26.85 -19.91 17.92
C ASN A 246 -27.88 -18.80 18.11
N ALA A 247 -27.73 -17.67 17.43
CA ALA A 247 -28.73 -16.61 17.52
C ALA A 247 -30.04 -17.09 16.93
N ILE A 248 -31.15 -16.72 17.58
CA ILE A 248 -32.46 -17.20 17.17
C ILE A 248 -33.04 -16.20 16.20
N ALA A 249 -33.16 -14.96 16.64
CA ALA A 249 -33.84 -13.90 15.92
C ALA A 249 -32.92 -12.71 15.73
N GLU A 250 -33.19 -11.96 14.67
CA GLU A 250 -32.37 -10.79 14.35
C GLU A 250 -32.45 -9.74 15.46
N GLN A 251 -33.67 -9.48 15.97
CA GLN A 251 -33.77 -8.48 17.03
C GLN A 251 -33.08 -8.93 18.31
N GLN A 252 -33.07 -10.24 18.57
CA GLN A 252 -32.29 -10.76 19.68
C GLN A 252 -30.80 -10.48 19.48
N LEU A 253 -30.31 -10.67 18.26
CA LEU A 253 -28.90 -10.45 18.00
C LEU A 253 -28.52 -8.99 18.14
N ILE A 254 -29.34 -8.10 17.58
CA ILE A 254 -29.05 -6.66 17.66
C ILE A 254 -28.97 -6.22 19.12
N MET A 255 -29.98 -6.58 19.93
CA MET A 255 -29.99 -6.16 21.32
C MET A 255 -28.82 -6.78 22.08
N ALA A 256 -28.46 -8.03 21.79
CA ALA A 256 -27.35 -8.66 22.49
C ALA A 256 -26.04 -7.95 22.18
N ILE A 257 -25.79 -7.70 20.89
CA ILE A 257 -24.55 -7.03 20.49
C ILE A 257 -24.49 -5.63 21.10
N LYS A 258 -25.61 -4.90 21.06
CA LYS A 258 -25.63 -3.58 21.69
C LYS A 258 -25.35 -3.67 23.19
N SER A 259 -25.67 -4.81 23.82
CA SER A 259 -25.44 -4.97 25.24
C SER A 259 -24.05 -5.49 25.58
N GLY A 260 -23.22 -5.81 24.59
CA GLY A 260 -21.86 -6.27 24.84
C GLY A 260 -21.52 -7.65 24.30
N ASN A 261 -22.50 -8.40 23.77
CA ASN A 261 -22.26 -9.72 23.20
C ASN A 261 -21.34 -9.65 21.98
N ARG A 262 -20.44 -10.62 21.86
CA ARG A 262 -19.44 -10.67 20.79
C ARG A 262 -19.29 -12.11 20.30
N PRO A 263 -18.56 -12.36 19.20
CA PRO A 263 -18.34 -13.73 18.76
C PRO A 263 -17.70 -14.58 19.86
N ASP A 264 -18.05 -15.86 19.85
CA ASP A 264 -17.66 -16.76 20.95
C ASP A 264 -16.21 -17.16 20.74
N VAL A 265 -15.31 -16.57 21.53
CA VAL A 265 -13.89 -16.88 21.42
C VAL A 265 -13.62 -18.34 21.70
N ASP A 266 -14.38 -18.95 22.61
CA ASP A 266 -14.20 -20.37 22.92
C ASP A 266 -14.56 -21.26 21.75
N ASP A 267 -15.35 -20.75 20.82
CA ASP A 267 -15.79 -21.53 19.68
C ASP A 267 -14.76 -21.55 18.55
N ILE A 268 -13.58 -20.99 18.77
CA ILE A 268 -12.47 -21.18 17.85
C ILE A 268 -11.79 -22.49 18.23
N THR A 269 -11.75 -23.44 17.30
CA THR A 269 -11.22 -24.75 17.63
C THR A 269 -9.72 -24.91 17.33
N GLU A 270 -9.19 -24.25 16.32
CA GLU A 270 -7.76 -24.41 16.04
C GLU A 270 -6.93 -23.41 16.84
N TYR A 271 -5.62 -23.61 16.81
CA TYR A 271 -4.72 -22.69 17.49
C TYR A 271 -4.94 -21.27 16.98
N CYS A 272 -5.13 -20.34 17.92
CA CYS A 272 -5.20 -18.92 17.62
C CYS A 272 -4.28 -18.22 18.59
N PRO A 273 -3.23 -17.56 18.10
CA PRO A 273 -2.27 -16.88 18.99
C PRO A 273 -2.96 -15.91 19.95
N ARG A 274 -2.47 -15.92 21.19
CA ARG A 274 -3.00 -15.02 22.22
C ARG A 274 -3.03 -13.57 21.75
N GLU A 275 -2.02 -13.15 20.99
CA GLU A 275 -1.96 -11.77 20.51
C GLU A 275 -3.11 -11.47 19.55
N ILE A 276 -3.52 -12.44 18.76
CA ILE A 276 -4.63 -12.24 17.84
C ILE A 276 -5.95 -12.22 18.58
N ILE A 277 -6.11 -13.08 19.58
CA ILE A 277 -7.28 -12.98 20.45
C ILE A 277 -7.34 -11.61 21.11
N SER A 278 -6.20 -11.12 21.62
CA SER A 278 -6.20 -9.80 22.26
C SER A 278 -6.54 -8.71 21.25
N LEU A 279 -6.03 -8.85 20.02
CA LEU A 279 -6.30 -7.84 19.00
C LEU A 279 -7.77 -7.79 18.64
N MET A 280 -8.45 -8.94 18.51
CA MET A 280 -9.85 -8.87 18.12
C MET A 280 -10.69 -8.26 19.23
N LYS A 281 -10.32 -8.52 20.49
CA LYS A 281 -11.07 -7.94 21.60
C LYS A 281 -10.90 -6.44 21.68
N LEU A 282 -9.68 -5.95 21.44
CA LEU A 282 -9.45 -4.51 21.38
C LEU A 282 -10.24 -3.89 20.21
N CYS A 283 -10.28 -4.58 19.09
CA CYS A 283 -10.92 -3.98 17.94
C CYS A 283 -12.45 -4.01 18.00
N TRP A 284 -13.05 -4.88 18.81
CA TRP A 284 -14.51 -4.80 18.94
C TRP A 284 -14.96 -4.20 20.27
N GLU A 285 -14.11 -3.38 20.92
CA GLU A 285 -14.54 -2.65 22.12
C GLU A 285 -15.81 -1.87 21.81
N ALA A 286 -16.71 -1.83 22.79
CA ALA A 286 -17.99 -1.13 22.60
C ALA A 286 -17.77 0.34 22.20
N ASN A 287 -16.87 1.04 22.89
CA ASN A 287 -16.67 2.46 22.62
C ASN A 287 -15.75 2.61 21.39
N PRO A 288 -16.23 3.17 20.28
CA PRO A 288 -15.37 3.31 19.09
C PRO A 288 -14.06 4.06 19.37
N GLU A 289 -14.05 5.00 20.33
CA GLU A 289 -12.83 5.74 20.61
C GLU A 289 -11.76 4.89 21.28
N ALA A 290 -12.14 3.75 21.85
CA ALA A 290 -11.20 2.78 22.40
C ALA A 290 -10.58 1.87 21.35
N ARG A 291 -11.16 1.78 20.16
CA ARG A 291 -10.59 0.96 19.11
C ARG A 291 -9.34 1.62 18.52
N PRO A 292 -8.31 0.86 18.17
CA PRO A 292 -7.15 1.44 17.49
C PRO A 292 -7.50 1.81 16.05
N THR A 293 -6.55 2.46 15.39
CA THR A 293 -6.59 2.73 13.96
C THR A 293 -5.92 1.59 13.23
N PHE A 294 -6.20 1.48 11.93
CA PHE A 294 -5.48 0.47 11.15
C PHE A 294 -3.97 0.70 11.15
N PRO A 295 -3.45 1.93 11.05
CA PRO A 295 -1.99 2.10 11.23
C PRO A 295 -1.49 1.66 12.60
N GLY A 296 -2.25 1.92 13.67
CA GLY A 296 -1.86 1.39 14.96
C GLY A 296 -1.88 -0.13 15.00
N ILE A 297 -2.87 -0.73 14.34
CA ILE A 297 -2.94 -2.20 14.25
C ILE A 297 -1.73 -2.72 13.50
N GLU A 298 -1.36 -2.08 12.39
CA GLU A 298 -0.28 -2.59 11.54
C GLU A 298 1.04 -2.60 12.28
N GLU A 299 1.28 -1.57 13.09
CA GLU A 299 2.53 -1.44 13.83
C GLU A 299 2.65 -2.49 14.93
N LYS A 300 1.53 -2.90 15.54
CA LYS A 300 1.54 -4.01 16.48
C LYS A 300 1.60 -5.35 15.77
N PHE A 301 0.86 -5.50 14.68
CA PHE A 301 0.73 -6.82 14.08
C PHE A 301 1.93 -7.19 13.20
N ARG A 302 2.54 -6.22 12.48
CA ARG A 302 3.61 -6.58 11.55
C ARG A 302 4.81 -7.22 12.24
N PRO A 303 5.37 -6.67 13.33
CA PRO A 303 6.46 -7.40 14.01
C PRO A 303 6.06 -8.78 14.49
N PHE A 304 4.86 -8.91 15.08
CA PHE A 304 4.38 -10.23 15.50
C PHE A 304 4.30 -11.19 14.32
N TYR A 305 3.77 -10.72 13.18
CA TYR A 305 3.66 -11.59 12.01
C TYR A 305 5.02 -12.07 11.55
N LEU A 306 5.99 -11.15 11.46
CA LEU A 306 7.34 -11.51 11.07
C LEU A 306 7.97 -12.48 12.06
N SER A 307 7.74 -12.24 13.36
CA SER A 307 8.43 -13.01 14.40
C SER A 307 7.87 -14.43 14.52
N GLN A 308 6.56 -14.59 14.43
CA GLN A 308 5.92 -15.85 14.80
C GLN A 308 5.09 -16.51 13.72
N LEU A 309 4.63 -15.78 12.70
CA LEU A 309 3.72 -16.35 11.71
C LEU A 309 4.33 -16.59 10.34
N GLU A 310 5.25 -15.74 9.89
CA GLU A 310 5.76 -15.81 8.53
C GLU A 310 6.54 -17.10 8.32
N LYS B 27 8.93 15.29 19.07
CA LYS B 27 9.51 16.13 20.12
C LYS B 27 9.98 15.30 21.33
N MET B 28 11.28 15.04 21.40
CA MET B 28 11.87 14.17 22.42
C MET B 28 12.91 14.95 23.22
N LYS B 29 13.26 14.39 24.38
CA LYS B 29 14.30 14.95 25.23
C LYS B 29 15.53 14.06 25.18
N SER B 30 16.70 14.69 25.30
CA SER B 30 17.96 13.94 25.28
C SER B 30 18.08 12.98 26.46
N SER B 31 17.35 13.22 27.54
CA SER B 31 17.45 12.40 28.73
C SER B 31 16.95 10.98 28.51
N ASP B 32 16.14 10.75 27.47
CA ASP B 32 15.54 9.44 27.24
C ASP B 32 16.46 8.48 26.48
N PHE B 33 17.76 8.68 26.50
CA PHE B 33 18.65 7.91 25.63
C PHE B 33 19.90 7.44 26.36
N LEU B 34 20.22 6.16 26.21
CA LEU B 34 21.38 5.54 26.83
C LEU B 34 22.34 4.98 25.78
N GLY B 45 25.75 8.12 8.49
CA GLY B 45 27.04 8.79 8.45
C GLY B 45 27.56 9.19 9.83
N LYS B 46 27.84 10.49 10.01
CA LYS B 46 28.24 11.03 11.31
C LYS B 46 27.01 11.10 12.21
N VAL B 47 26.70 9.95 12.82
CA VAL B 47 25.48 9.79 13.63
C VAL B 47 25.83 8.99 14.87
N SER B 48 24.88 8.93 15.79
CA SER B 48 25.00 8.11 16.98
C SER B 48 23.88 7.08 17.01
N LEU B 49 24.24 5.85 17.40
CA LEU B 49 23.27 4.80 17.66
C LEU B 49 22.98 4.82 19.16
N ALA B 50 21.77 5.24 19.53
CA ALA B 50 21.41 5.37 20.93
C ALA B 50 20.18 4.53 21.25
N PHE B 51 20.12 4.08 22.50
CA PHE B 51 18.99 3.29 23.00
CA PHE B 51 18.99 3.30 23.00
C PHE B 51 17.96 4.24 23.60
N HIS B 52 16.74 4.21 23.08
CA HIS B 52 15.67 5.01 23.65
C HIS B 52 15.05 4.23 24.80
N ARG B 53 15.07 4.82 25.99
CA ARG B 53 14.81 4.12 27.25
C ARG B 53 13.43 3.47 27.34
N THR B 54 12.62 3.54 26.27
CA THR B 54 11.33 2.85 26.23
C THR B 54 10.98 2.37 24.82
N GLN B 55 11.74 2.79 23.82
CA GLN B 55 11.41 2.52 22.42
C GLN B 55 12.41 1.62 21.70
N GLY B 56 13.60 1.44 22.23
CA GLY B 56 14.57 0.58 21.59
C GLY B 56 15.62 1.36 20.83
N LEU B 57 16.35 0.63 20.00
CA LEU B 57 17.49 1.18 19.28
C LEU B 57 17.02 2.15 18.20
N MET B 58 17.69 3.29 18.12
CA MET B 58 17.39 4.22 17.03
C MET B 58 18.63 5.02 16.68
N ILE B 59 18.62 5.63 15.49
CA ILE B 59 19.73 6.44 15.03
C ILE B 59 19.43 7.92 15.27
N MET B 60 20.38 8.61 15.90
CA MET B 60 20.20 10.03 16.18
C MET B 60 21.24 10.89 15.46
N LYS B 61 20.76 11.78 14.60
CA LYS B 61 21.64 12.67 13.85
C LYS B 61 21.57 14.08 14.43
N THR B 62 22.72 14.65 14.75
CA THR B 62 22.77 15.99 15.32
C THR B 62 23.08 17.00 14.22
N VAL B 63 22.23 18.02 14.11
CA VAL B 63 22.48 19.13 13.18
C VAL B 63 22.44 20.46 13.95
N CYS B 69 21.33 28.98 18.42
CA CYS B 69 19.90 29.05 18.67
C CYS B 69 19.22 29.93 17.62
N ILE B 70 17.91 29.78 17.44
CA ILE B 70 17.19 30.52 16.42
C ILE B 70 15.78 30.84 16.90
N GLU B 71 15.24 31.96 16.40
CA GLU B 71 13.81 32.24 16.46
C GLU B 71 13.12 31.77 15.18
N HIS B 72 13.39 30.51 14.80
CA HIS B 72 12.80 29.88 13.63
C HIS B 72 12.48 28.41 13.91
N ASN B 73 12.28 28.06 15.19
CA ASN B 73 12.04 26.67 15.58
C ASN B 73 10.69 26.16 15.09
N GLU B 74 9.71 27.06 14.90
CA GLU B 74 8.40 26.62 14.42
C GLU B 74 8.50 25.98 13.05
N ALA B 75 9.45 26.43 12.22
CA ALA B 75 9.62 25.85 10.88
C ALA B 75 10.27 24.47 10.96
N LEU B 76 11.22 24.29 11.88
CA LEU B 76 11.88 22.99 12.03
C LEU B 76 10.93 21.96 12.62
N LEU B 77 10.11 22.38 13.57
CA LEU B 77 9.11 21.47 14.14
C LEU B 77 8.07 21.09 13.09
N GLU B 78 7.59 22.07 12.32
CA GLU B 78 6.59 21.80 11.29
C GLU B 78 7.11 20.81 10.27
N GLU B 79 8.34 21.04 9.78
CA GLU B 79 8.92 20.15 8.78
C GLU B 79 9.15 18.76 9.35
N ALA B 80 9.57 18.68 10.61
CA ALA B 80 9.77 17.39 11.24
C ALA B 80 8.45 16.64 11.38
N LYS B 81 7.39 17.37 11.75
CA LYS B 81 6.06 16.74 11.90
C LYS B 81 5.52 16.29 10.55
N MET B 82 5.77 17.08 9.51
CA MET B 82 5.37 16.70 8.16
C MET B 82 6.00 15.37 7.75
N MET B 83 7.30 15.22 7.98
CA MET B 83 7.99 13.98 7.62
C MET B 83 7.57 12.83 8.52
N ASN B 84 7.31 13.11 9.80
CA ASN B 84 6.90 12.04 10.72
C ASN B 84 5.54 11.47 10.35
N ARG B 85 4.70 12.22 9.64
CA ARG B 85 3.43 11.67 9.19
C ARG B 85 3.56 10.72 7.98
N LEU B 86 4.74 10.61 7.37
CA LEU B 86 4.94 9.67 6.26
C LEU B 86 5.23 8.30 6.86
N ARG B 87 4.22 7.45 6.88
CA ARG B 87 4.29 6.20 7.63
C ARG B 87 3.90 5.06 6.72
N HIS B 88 4.88 4.22 6.38
CA HIS B 88 4.67 3.12 5.47
C HIS B 88 5.76 2.11 5.77
N SER B 89 5.44 0.82 5.61
CA SER B 89 6.37 -0.23 5.93
C SER B 89 7.68 -0.13 5.15
N ARG B 90 7.67 0.51 3.98
CA ARG B 90 8.89 0.59 3.19
C ARG B 90 9.49 2.00 3.16
N VAL B 91 9.10 2.85 4.12
CA VAL B 91 9.62 4.21 4.27
C VAL B 91 10.13 4.36 5.71
N VAL B 92 11.34 4.94 5.88
CA VAL B 92 11.85 5.07 7.25
C VAL B 92 10.87 5.92 8.05
N LYS B 93 10.80 5.66 9.35
CA LYS B 93 10.01 6.46 10.27
C LYS B 93 10.91 7.45 10.98
N LEU B 94 10.53 8.72 10.96
CA LEU B 94 11.16 9.72 11.81
C LEU B 94 10.46 9.65 13.17
N LEU B 95 11.16 9.12 14.17
CA LEU B 95 10.56 8.92 15.49
C LEU B 95 10.38 10.24 16.22
N GLY B 96 11.43 11.06 16.28
CA GLY B 96 11.27 12.35 16.91
C GLY B 96 12.39 13.30 16.58
N VAL B 97 12.33 14.45 17.23
CA VAL B 97 13.33 15.51 17.10
C VAL B 97 13.77 15.91 18.50
N ILE B 98 15.02 16.32 18.62
CA ILE B 98 15.57 16.89 19.85
C ILE B 98 16.02 18.32 19.56
N ILE B 99 15.58 19.26 20.39
CA ILE B 99 15.95 20.67 20.25
C ILE B 99 16.82 21.09 21.43
N GLY B 102 20.05 24.12 22.71
CA GLY B 102 21.16 24.57 21.88
C GLY B 102 21.60 23.58 20.80
N LYS B 103 21.08 22.35 20.85
CA LYS B 103 21.44 21.32 19.88
C LYS B 103 20.18 20.78 19.22
N TYR B 104 20.30 20.42 17.95
CA TYR B 104 19.17 20.04 17.11
C TYR B 104 19.43 18.67 16.50
N SER B 105 18.56 17.71 16.81
CA SER B 105 18.76 16.33 16.41
C SER B 105 17.51 15.73 15.78
N LEU B 106 17.72 14.86 14.80
CA LEU B 106 16.67 14.03 14.21
C LEU B 106 16.86 12.59 14.67
N VAL B 107 15.74 11.88 14.87
CA VAL B 107 15.76 10.54 15.45
C VAL B 107 14.98 9.60 14.54
N MET B 108 15.65 8.54 14.08
CA MET B 108 15.15 7.63 13.06
C MET B 108 15.28 6.19 13.56
N GLU B 109 14.43 5.31 13.05
CA GLU B 109 14.58 3.90 13.35
C GLU B 109 15.90 3.36 12.78
N TYR B 110 16.37 2.27 13.34
CA TYR B 110 17.68 1.71 13.03
C TYR B 110 17.55 0.58 12.01
N MET B 111 18.33 0.63 10.94
CA MET B 111 18.33 -0.39 9.90
C MET B 111 19.67 -1.11 9.93
N GLU B 112 19.63 -2.43 10.18
CA GLU B 112 20.82 -3.16 10.59
C GLU B 112 21.82 -3.38 9.44
N LYS B 113 21.33 -3.60 8.22
CA LYS B 113 22.23 -4.03 7.14
C LYS B 113 22.76 -2.88 6.28
N GLY B 114 22.66 -1.64 6.73
CA GLY B 114 23.22 -0.53 5.98
C GLY B 114 22.37 -0.16 4.77
N ASN B 115 23.01 0.34 3.72
CA ASN B 115 22.27 0.72 2.52
C ASN B 115 22.42 -0.34 1.43
N LEU B 116 21.68 -0.13 0.34
CA LEU B 116 21.48 -1.17 -0.66
C LEU B 116 22.77 -1.47 -1.43
N MET B 117 23.58 -0.45 -1.68
CA MET B 117 24.83 -0.67 -2.38
C MET B 117 25.77 -1.53 -1.53
N HIS B 118 25.86 -1.23 -0.23
CA HIS B 118 26.67 -2.07 0.67
C HIS B 118 26.21 -3.52 0.60
N VAL B 119 24.90 -3.75 0.60
CA VAL B 119 24.37 -5.10 0.45
C VAL B 119 24.72 -5.66 -0.92
N LEU B 120 24.63 -4.83 -1.96
CA LEU B 120 24.87 -5.34 -3.31
C LEU B 120 26.32 -5.76 -3.52
N LYS B 121 27.27 -5.12 -2.84
CA LYS B 121 28.68 -5.45 -2.99
C LYS B 121 29.17 -6.47 -1.96
N ALA B 122 28.26 -7.10 -1.22
CA ALA B 122 28.63 -8.02 -0.18
C ALA B 122 29.28 -9.27 -0.75
N GLU B 123 29.96 -10.00 0.14
CA GLU B 123 30.67 -11.22 -0.27
C GLU B 123 29.72 -12.21 -0.92
N MET B 124 28.64 -12.55 -0.23
CA MET B 124 27.64 -13.44 -0.81
C MET B 124 26.71 -12.66 -1.75
N SER B 125 26.44 -13.25 -2.90
CA SER B 125 25.56 -12.62 -3.87
C SER B 125 24.10 -12.69 -3.43
N THR B 126 23.33 -11.69 -3.84
CA THR B 126 21.91 -11.64 -3.54
C THR B 126 21.13 -12.26 -4.68
N PRO B 127 20.35 -13.31 -4.43
CA PRO B 127 19.63 -13.98 -5.52
C PRO B 127 18.57 -13.10 -6.16
N LEU B 128 18.18 -13.49 -7.38
CA LEU B 128 17.22 -12.72 -8.16
C LEU B 128 15.89 -12.57 -7.44
N SER B 129 15.45 -13.62 -6.74
CA SER B 129 14.19 -13.53 -6.01
C SER B 129 14.23 -12.39 -4.99
N VAL B 130 15.34 -12.25 -4.27
CA VAL B 130 15.44 -11.19 -3.27
C VAL B 130 15.58 -9.82 -3.95
N LYS B 131 16.37 -9.76 -5.03
CA LYS B 131 16.45 -8.53 -5.81
C LYS B 131 15.08 -8.08 -6.30
N GLY B 132 14.26 -9.02 -6.79
CA GLY B 132 12.94 -8.66 -7.26
C GLY B 132 12.05 -8.14 -6.15
N ARG B 133 12.20 -8.68 -4.95
CA ARG B 133 11.36 -8.22 -3.85
C ARG B 133 11.80 -6.84 -3.38
N ILE B 134 13.11 -6.60 -3.36
CA ILE B 134 13.63 -5.28 -3.04
C ILE B 134 13.07 -4.25 -4.01
N ILE B 135 13.08 -4.58 -5.31
CA ILE B 135 12.55 -3.67 -6.32
C ILE B 135 11.07 -3.40 -6.07
N LEU B 136 10.32 -4.45 -5.77
CA LEU B 136 8.88 -4.27 -5.55
C LEU B 136 8.64 -3.40 -4.32
N GLU B 137 9.44 -3.57 -3.27
CA GLU B 137 9.26 -2.76 -2.06
C GLU B 137 9.66 -1.31 -2.32
N ILE B 138 10.68 -1.08 -3.14
CA ILE B 138 11.00 0.30 -3.54
C ILE B 138 9.82 0.92 -4.26
N ILE B 139 9.24 0.19 -5.22
CA ILE B 139 8.07 0.68 -5.93
C ILE B 139 6.94 1.03 -4.95
N GLU B 140 6.68 0.14 -3.98
CA GLU B 140 5.60 0.37 -3.01
C GLU B 140 5.86 1.63 -2.20
N GLY B 141 7.09 1.78 -1.69
CA GLY B 141 7.42 2.97 -0.93
C GLY B 141 7.24 4.23 -1.75
N MET B 142 7.71 4.19 -3.01
CA MET B 142 7.63 5.38 -3.85
C MET B 142 6.19 5.68 -4.23
N ALA B 143 5.39 4.65 -4.50
CA ALA B 143 3.97 4.87 -4.76
C ALA B 143 3.30 5.49 -3.53
N TYR B 144 3.67 5.02 -2.33
CA TYR B 144 3.14 5.64 -1.12
C TYR B 144 3.48 7.13 -1.08
N LEU B 145 4.76 7.46 -1.26
CA LEU B 145 5.19 8.86 -1.16
C LEU B 145 4.50 9.73 -2.20
N HIS B 146 4.49 9.28 -3.45
CA HIS B 146 3.83 10.07 -4.48
C HIS B 146 2.33 10.16 -4.23
N GLY B 147 1.74 9.14 -3.62
CA GLY B 147 0.33 9.21 -3.28
C GLY B 147 0.03 10.25 -2.23
N LYS B 148 1.01 10.53 -1.37
CA LYS B 148 0.92 11.57 -0.35
C LYS B 148 1.32 12.94 -0.87
N GLY B 149 1.52 13.10 -2.17
CA GLY B 149 1.95 14.37 -2.73
C GLY B 149 3.39 14.74 -2.50
N VAL B 150 4.23 13.78 -2.12
CA VAL B 150 5.62 14.03 -1.74
C VAL B 150 6.54 13.54 -2.85
N ILE B 151 7.45 14.39 -3.30
CA ILE B 151 8.49 14.01 -4.26
C ILE B 151 9.78 13.80 -3.49
N HIS B 152 10.44 12.67 -3.73
CA HIS B 152 11.62 12.35 -2.95
C HIS B 152 12.79 13.25 -3.35
N LYS B 153 13.06 13.31 -4.66
CA LYS B 153 14.05 14.16 -5.32
C LYS B 153 15.46 13.61 -5.25
N ASP B 154 15.76 12.65 -4.37
CA ASP B 154 17.14 12.17 -4.28
C ASP B 154 17.19 10.66 -4.07
N LEU B 155 16.42 9.90 -4.84
CA LEU B 155 16.41 8.46 -4.69
C LEU B 155 17.70 7.86 -5.27
N LYS B 156 18.33 6.96 -4.52
CA LYS B 156 19.62 6.39 -4.87
C LYS B 156 19.94 5.28 -3.86
N PRO B 157 20.87 4.39 -4.18
CA PRO B 157 21.11 3.23 -3.30
C PRO B 157 21.48 3.61 -1.89
N GLU B 158 22.16 4.74 -1.68
CA GLU B 158 22.49 5.18 -0.33
C GLU B 158 21.27 5.58 0.46
N ASN B 159 20.14 5.89 -0.18
CA ASN B 159 18.91 6.21 0.54
C ASN B 159 17.95 5.03 0.64
N ILE B 160 18.40 3.84 0.29
CA ILE B 160 17.60 2.63 0.40
C ILE B 160 18.25 1.78 1.48
N LEU B 161 17.63 1.77 2.65
CA LEU B 161 18.17 1.08 3.81
C LEU B 161 17.57 -0.32 3.92
N VAL B 162 18.36 -1.21 4.51
CA VAL B 162 18.10 -2.64 4.49
C VAL B 162 18.16 -3.17 5.92
N ASP B 163 17.26 -4.09 6.26
CA ASP B 163 17.32 -4.78 7.55
C ASP B 163 17.85 -6.19 7.37
N ASN B 164 17.93 -6.94 8.47
CA ASN B 164 18.49 -8.29 8.42
C ASN B 164 17.72 -9.22 7.48
N ASP B 165 16.42 -8.98 7.31
CA ASP B 165 15.62 -9.84 6.44
C ASP B 165 15.69 -9.43 4.98
N PHE B 166 16.48 -8.40 4.63
CA PHE B 166 16.60 -7.84 3.30
C PHE B 166 15.34 -7.10 2.87
N HIS B 167 14.48 -6.72 3.81
CA HIS B 167 13.44 -5.74 3.52
C HIS B 167 14.09 -4.35 3.50
N ILE B 168 13.44 -3.41 2.81
CA ILE B 168 14.05 -2.10 2.65
C ILE B 168 13.11 -1.01 3.15
N LYS B 169 13.71 0.15 3.41
CA LYS B 169 12.99 1.37 3.70
C LYS B 169 13.69 2.52 2.99
N ILE B 170 12.92 3.37 2.33
CA ILE B 170 13.43 4.55 1.66
C ILE B 170 13.69 5.65 2.67
N ALA B 171 14.89 6.24 2.62
CA ALA B 171 15.33 7.29 3.52
C ALA B 171 15.73 8.54 2.74
N ASP B 172 16.11 9.59 3.46
CA ASP B 172 16.54 10.85 2.86
C ASP B 172 17.75 11.38 3.63
N LEU B 173 18.85 10.63 3.57
CA LEU B 173 19.99 10.91 4.44
C LEU B 173 20.76 12.15 4.01
N GLY B 174 20.61 12.62 2.77
CA GLY B 174 21.16 13.89 2.37
C GLY B 174 20.31 15.08 2.74
N LEU B 175 19.15 14.85 3.38
CA LEU B 175 18.19 15.89 3.79
C LEU B 175 17.60 16.68 2.62
N ALA B 176 17.46 16.04 1.45
CA ALA B 176 16.89 16.74 0.29
C ALA B 176 15.44 17.19 0.52
N SER B 177 14.67 16.44 1.31
CA SER B 177 13.30 16.82 1.67
C SER B 177 13.21 17.56 3.01
N PHE B 178 14.31 17.62 3.76
CA PHE B 178 14.35 18.40 5.00
C PHE B 178 14.96 19.76 4.68
N LYS B 179 14.18 20.57 3.96
CA LYS B 179 14.69 21.85 3.46
C LYS B 179 15.19 22.72 4.61
N MET B 180 14.38 22.88 5.64
CA MET B 180 14.78 23.66 6.81
C MET B 180 15.97 23.03 7.53
N TRP B 181 15.93 21.73 7.77
CA TRP B 181 16.99 21.11 8.55
C TRP B 181 18.32 21.07 7.81
N SER B 182 18.31 21.07 6.47
CA SER B 182 19.58 21.12 5.77
C SER B 182 20.17 22.53 5.78
N LYS B 183 19.30 23.55 5.67
CA LYS B 183 19.79 24.94 5.79
C LYS B 183 20.22 25.25 7.21
N LEU B 184 19.61 24.62 8.21
CA LEU B 184 20.06 24.77 9.59
C LEU B 184 21.51 24.33 9.75
N ASN B 185 21.95 23.38 8.94
CA ASN B 185 23.29 22.83 9.03
C ASN B 185 24.38 23.88 8.81
N GLY B 204 29.90 11.34 -8.10
CA GLY B 204 29.09 10.15 -7.99
C GLY B 204 27.68 10.41 -7.49
N THR B 205 27.49 11.58 -6.90
CA THR B 205 26.24 11.94 -6.25
C THR B 205 25.14 12.33 -7.25
N LEU B 206 25.49 12.56 -8.51
CA LEU B 206 24.54 12.98 -9.54
C LEU B 206 24.19 11.89 -10.54
N TYR B 207 24.64 10.65 -10.29
CA TYR B 207 24.40 9.58 -11.25
C TYR B 207 22.93 9.18 -11.34
N TYR B 208 22.12 9.51 -10.33
CA TYR B 208 20.73 9.10 -10.26
C TYR B 208 19.78 10.24 -10.60
N MET B 209 20.31 11.41 -10.93
CA MET B 209 19.52 12.62 -11.07
C MET B 209 19.00 12.76 -12.50
N ALA B 210 17.71 13.04 -12.63
CA ALA B 210 17.12 13.17 -13.96
C ALA B 210 17.81 14.30 -14.73
N PRO B 211 17.98 14.16 -16.05
CA PRO B 211 18.79 15.14 -16.78
C PRO B 211 18.19 16.52 -16.83
N GLU B 212 16.85 16.66 -16.74
CA GLU B 212 16.24 17.98 -16.67
C GLU B 212 16.68 18.76 -15.43
N HIS B 213 17.23 18.10 -14.41
CA HIS B 213 17.75 18.81 -13.25
C HIS B 213 19.27 19.01 -13.29
N LEU B 214 19.98 18.33 -14.19
CA LEU B 214 21.41 18.57 -14.33
C LEU B 214 21.65 19.94 -14.96
N ASN B 215 22.51 20.74 -14.31
CA ASN B 215 22.79 22.11 -14.75
C ASN B 215 21.52 22.95 -14.86
N ASP B 216 20.51 22.66 -14.03
CA ASP B 216 19.33 23.53 -13.98
C ASP B 216 18.58 23.39 -12.66
N VAL B 217 19.05 24.12 -11.65
CA VAL B 217 18.53 23.97 -10.29
C VAL B 217 17.22 24.68 -10.05
N ASN B 218 16.73 25.47 -11.02
CA ASN B 218 15.48 26.19 -10.78
C ASN B 218 14.24 25.49 -11.30
N ALA B 219 14.40 24.48 -12.18
CA ALA B 219 13.26 23.65 -12.58
C ALA B 219 12.75 22.83 -11.39
N LYS B 220 11.43 22.70 -11.28
CA LYS B 220 10.90 22.02 -10.10
C LYS B 220 10.87 20.50 -10.30
N PRO B 221 11.36 19.72 -9.35
CA PRO B 221 11.23 18.25 -9.48
C PRO B 221 9.78 17.81 -9.50
N THR B 222 9.51 16.78 -10.29
CA THR B 222 8.18 16.18 -10.41
C THR B 222 8.25 14.70 -10.03
N GLU B 223 7.07 14.07 -9.98
CA GLU B 223 7.06 12.62 -9.81
C GLU B 223 7.96 11.92 -10.83
N LYS B 224 8.06 12.47 -12.05
CA LYS B 224 8.89 11.87 -13.08
C LYS B 224 10.39 11.96 -12.76
N SER B 225 10.81 12.93 -11.94
CA SER B 225 12.21 12.97 -11.52
C SER B 225 12.57 11.76 -10.68
N ASP B 226 11.66 11.30 -9.80
CA ASP B 226 11.92 10.09 -9.02
C ASP B 226 11.92 8.84 -9.89
N VAL B 227 11.07 8.82 -10.92
CA VAL B 227 11.00 7.64 -11.80
C VAL B 227 12.34 7.41 -12.48
N TYR B 228 12.96 8.50 -12.98
CA TYR B 228 14.29 8.39 -13.58
C TYR B 228 15.29 7.84 -12.58
N SER B 229 15.26 8.35 -11.34
CA SER B 229 16.20 7.88 -10.33
C SER B 229 16.02 6.38 -10.09
N PHE B 230 14.76 5.94 -10.04
CA PHE B 230 14.44 4.53 -9.91
C PHE B 230 15.04 3.70 -11.04
N ALA B 231 15.00 4.22 -12.28
CA ALA B 231 15.60 3.51 -13.40
C ALA B 231 17.09 3.24 -13.18
N VAL B 232 17.83 4.23 -12.69
CA VAL B 232 19.26 3.99 -12.48
C VAL B 232 19.48 3.04 -11.30
N VAL B 233 18.60 3.09 -10.29
CA VAL B 233 18.68 2.16 -9.17
C VAL B 233 18.47 0.72 -9.65
N LEU B 234 17.50 0.52 -10.54
CA LEU B 234 17.29 -0.79 -11.16
C LEU B 234 18.57 -1.31 -11.80
N TRP B 235 19.26 -0.44 -12.53
CA TRP B 235 20.49 -0.85 -13.20
C TRP B 235 21.56 -1.26 -12.18
N ALA B 236 21.74 -0.45 -11.13
CA ALA B 236 22.73 -0.73 -10.09
C ALA B 236 22.40 -2.01 -9.33
N ILE B 237 21.12 -2.27 -9.10
CA ILE B 237 20.73 -3.53 -8.46
C ILE B 237 21.23 -4.73 -9.27
N PHE B 238 21.12 -4.67 -10.59
CA PHE B 238 21.59 -5.79 -11.39
C PHE B 238 23.07 -5.74 -11.76
N ALA B 239 23.68 -4.55 -11.80
CA ALA B 239 25.12 -4.45 -12.03
C ALA B 239 25.94 -4.67 -10.76
N ASN B 240 25.33 -4.56 -9.57
CA ASN B 240 26.02 -4.64 -8.28
C ASN B 240 27.08 -3.55 -8.11
N LYS B 241 26.87 -2.38 -8.70
CA LYS B 241 27.83 -1.28 -8.60
C LYS B 241 27.18 0.00 -9.09
N GLU B 242 27.89 1.13 -8.92
CA GLU B 242 27.52 2.45 -9.40
C GLU B 242 27.74 2.56 -10.92
N PRO B 243 26.88 3.30 -11.62
CA PRO B 243 27.05 3.43 -13.08
C PRO B 243 28.20 4.35 -13.47
N TYR B 244 28.47 4.45 -14.77
CA TYR B 244 29.40 5.43 -15.36
C TYR B 244 30.84 5.28 -14.86
N GLU B 245 31.27 4.06 -14.56
CA GLU B 245 32.67 3.89 -14.14
C GLU B 245 33.63 4.14 -15.30
N ALA B 249 32.23 12.70 -11.95
CA ALA B 249 31.01 13.50 -11.87
C ALA B 249 31.23 14.81 -12.61
N GLU B 250 32.04 14.73 -13.66
CA GLU B 250 32.55 15.88 -14.38
C GLU B 250 31.44 16.58 -15.18
N GLN B 251 31.76 17.79 -15.65
CA GLN B 251 30.83 18.47 -16.55
C GLN B 251 30.67 17.71 -17.85
N GLN B 252 31.72 17.01 -18.31
CA GLN B 252 31.61 16.23 -19.54
C GLN B 252 30.55 15.14 -19.41
N LEU B 253 30.55 14.41 -18.29
CA LEU B 253 29.56 13.35 -18.10
C LEU B 253 28.16 13.93 -17.98
N ILE B 254 28.01 15.04 -17.27
CA ILE B 254 26.71 15.70 -17.14
C ILE B 254 26.14 16.05 -18.52
N MET B 255 26.96 16.65 -19.38
CA MET B 255 26.45 17.00 -20.70
C MET B 255 26.11 15.75 -21.52
N ALA B 256 26.92 14.69 -21.39
CA ALA B 256 26.64 13.45 -22.09
C ALA B 256 25.30 12.86 -21.67
N ILE B 257 25.03 12.83 -20.37
CA ILE B 257 23.76 12.35 -19.85
C ILE B 257 22.60 13.21 -20.36
N LYS B 258 22.79 14.53 -20.31
CA LYS B 258 21.77 15.44 -20.80
C LYS B 258 21.51 15.25 -22.28
N SER B 259 22.47 14.73 -23.04
CA SER B 259 22.22 14.44 -24.45
C SER B 259 21.87 12.99 -24.71
N GLY B 260 21.74 12.16 -23.67
CA GLY B 260 21.12 10.87 -23.90
C GLY B 260 21.90 9.68 -23.37
N ASN B 261 23.13 9.91 -22.92
CA ASN B 261 23.95 8.85 -22.34
C ASN B 261 23.30 8.28 -21.07
N ARG B 262 23.31 6.96 -20.96
CA ARG B 262 22.70 6.24 -19.85
C ARG B 262 23.66 5.16 -19.37
N PRO B 263 23.45 4.61 -18.17
CA PRO B 263 24.29 3.48 -17.73
C PRO B 263 24.32 2.39 -18.79
N ASP B 264 25.48 1.74 -18.92
CA ASP B 264 25.69 0.74 -19.97
C ASP B 264 25.06 -0.58 -19.55
N VAL B 265 24.03 -0.99 -20.28
CA VAL B 265 23.34 -2.24 -20.02
C VAL B 265 24.26 -3.45 -20.19
N ASP B 266 25.29 -3.35 -21.06
CA ASP B 266 26.26 -4.43 -21.22
C ASP B 266 27.17 -4.61 -20.02
N ASP B 267 27.20 -3.68 -19.08
CA ASP B 267 27.98 -3.86 -17.87
C ASP B 267 27.22 -4.61 -16.79
N ILE B 268 25.97 -4.99 -17.06
CA ILE B 268 25.29 -5.97 -16.23
C ILE B 268 25.77 -7.34 -16.70
N THR B 269 26.49 -8.06 -15.85
CA THR B 269 26.99 -9.38 -16.21
C THR B 269 26.00 -10.49 -15.87
N GLU B 270 25.38 -10.43 -14.69
CA GLU B 270 24.45 -11.48 -14.31
C GLU B 270 23.16 -11.36 -15.13
N TYR B 271 22.30 -12.37 -14.97
CA TYR B 271 21.02 -12.40 -15.66
C TYR B 271 20.13 -11.27 -15.19
N CYS B 272 19.60 -10.50 -16.14
CA CYS B 272 18.60 -9.49 -15.86
C CYS B 272 17.42 -9.78 -16.77
N PRO B 273 16.24 -10.10 -16.23
CA PRO B 273 15.09 -10.42 -17.08
C PRO B 273 14.77 -9.31 -18.06
N ARG B 274 14.41 -9.71 -19.28
CA ARG B 274 13.97 -8.83 -20.36
C ARG B 274 13.02 -7.73 -19.87
N GLU B 275 12.06 -8.09 -19.02
CA GLU B 275 11.07 -7.11 -18.54
C GLU B 275 11.72 -6.01 -17.73
N ILE B 276 12.80 -6.32 -17.02
CA ILE B 276 13.43 -5.31 -16.18
C ILE B 276 14.30 -4.39 -17.00
N ILE B 277 15.04 -4.93 -17.96
CA ILE B 277 15.79 -4.11 -18.90
C ILE B 277 14.84 -3.16 -19.62
N SER B 278 13.67 -3.67 -20.01
CA SER B 278 12.67 -2.84 -20.67
C SER B 278 12.19 -1.71 -19.75
N LEU B 279 11.90 -2.04 -18.48
CA LEU B 279 11.37 -1.04 -17.55
C LEU B 279 12.42 0.03 -17.26
N MET B 280 13.65 -0.41 -17.01
CA MET B 280 14.79 0.47 -16.81
C MET B 280 14.90 1.51 -17.93
N LYS B 281 14.84 1.06 -19.18
CA LYS B 281 15.01 1.98 -20.31
C LYS B 281 13.83 2.93 -20.44
N LEU B 282 12.62 2.43 -20.19
CA LEU B 282 11.43 3.29 -20.19
C LEU B 282 11.54 4.37 -19.11
N CYS B 283 11.91 3.98 -17.89
CA CYS B 283 11.95 4.93 -16.80
C CYS B 283 13.05 5.97 -16.94
N TRP B 284 14.06 5.75 -17.79
CA TRP B 284 15.09 6.78 -17.93
C TRP B 284 15.02 7.48 -19.29
N GLU B 285 13.85 7.46 -19.91
CA GLU B 285 13.62 8.27 -21.11
C GLU B 285 13.90 9.74 -20.83
N ALA B 286 14.51 10.41 -21.81
CA ALA B 286 14.82 11.82 -21.67
C ALA B 286 13.55 12.64 -21.44
N ASN B 287 12.48 12.36 -22.17
CA ASN B 287 11.25 13.11 -22.03
C ASN B 287 10.51 12.67 -20.78
N PRO B 288 10.37 13.52 -19.77
CA PRO B 288 9.66 13.09 -18.55
C PRO B 288 8.27 12.54 -18.83
N GLU B 289 7.63 13.02 -19.91
CA GLU B 289 6.28 12.60 -20.27
C GLU B 289 6.22 11.13 -20.65
N ALA B 290 7.27 10.62 -21.28
CA ALA B 290 7.37 9.21 -21.67
C ALA B 290 7.60 8.26 -20.49
N ARG B 291 8.02 8.76 -19.31
CA ARG B 291 8.22 7.86 -18.18
C ARG B 291 6.89 7.48 -17.54
N PRO B 292 6.75 6.25 -17.06
CA PRO B 292 5.52 5.84 -16.36
C PRO B 292 5.47 6.40 -14.95
N THR B 293 4.32 6.20 -14.30
CA THR B 293 4.18 6.53 -12.89
C THR B 293 4.45 5.29 -12.03
N PHE B 294 4.66 5.51 -10.73
CA PHE B 294 4.95 4.36 -9.88
C PHE B 294 3.74 3.42 -9.72
N PRO B 295 2.49 3.94 -9.64
CA PRO B 295 1.35 3.00 -9.68
C PRO B 295 1.32 2.18 -10.95
N GLY B 296 1.68 2.76 -12.09
CA GLY B 296 1.70 2.01 -13.34
C GLY B 296 2.84 1.01 -13.40
N ILE B 297 4.02 1.40 -12.89
CA ILE B 297 5.10 0.45 -12.73
C ILE B 297 4.65 -0.71 -11.84
N GLU B 298 3.98 -0.41 -10.74
CA GLU B 298 3.59 -1.45 -9.80
C GLU B 298 2.63 -2.46 -10.44
N GLU B 299 1.62 -1.98 -11.17
CA GLU B 299 0.60 -2.89 -11.71
C GLU B 299 1.20 -3.88 -12.69
N LYS B 300 2.24 -3.49 -13.39
CA LYS B 300 2.92 -4.35 -14.35
C LYS B 300 4.04 -5.17 -13.72
N PHE B 301 4.77 -4.63 -12.74
CA PHE B 301 5.88 -5.37 -12.16
C PHE B 301 5.40 -6.48 -11.22
N ARG B 302 4.36 -6.24 -10.44
CA ARG B 302 3.95 -7.21 -9.44
C ARG B 302 3.56 -8.55 -10.05
N PRO B 303 2.68 -8.62 -11.06
CA PRO B 303 2.39 -9.93 -11.67
C PRO B 303 3.62 -10.62 -12.24
N PHE B 304 4.57 -9.85 -12.78
CA PHE B 304 5.80 -10.44 -13.28
C PHE B 304 6.68 -10.94 -12.13
N TYR B 305 6.73 -10.18 -11.04
CA TYR B 305 7.42 -10.64 -9.84
C TYR B 305 6.81 -11.94 -9.33
N LEU B 306 5.50 -12.03 -9.32
CA LEU B 306 4.86 -13.21 -8.75
C LEU B 306 5.07 -14.44 -9.62
N SER B 307 5.20 -14.27 -10.93
CA SER B 307 5.26 -15.42 -11.84
C SER B 307 6.67 -15.96 -11.97
N GLN B 308 7.66 -15.07 -12.00
CA GLN B 308 9.01 -15.44 -12.40
C GLN B 308 10.08 -15.17 -11.36
N LEU B 309 9.85 -14.27 -10.41
CA LEU B 309 10.86 -13.89 -9.44
C LEU B 309 10.60 -14.44 -8.05
N GLU B 310 9.37 -14.37 -7.55
CA GLU B 310 9.09 -14.70 -6.15
C GLU B 310 9.38 -16.18 -5.84
#